data_1QNA
#
_entry.id   1QNA
#
_cell.length_a   41.800
_cell.length_b   146.700
_cell.length_c   57.400
_cell.angle_alpha   90.00
_cell.angle_beta   90.50
_cell.angle_gamma   90.00
#
_symmetry.space_group_name_H-M   'P 1 21 1'
#
loop_
_entity.id
_entity.type
_entity.pdbx_description
1 polymer 'TRANSCRIPTION INITIATION FACTOR TFIID-1'
2 polymer "DNA (5'-D(*GP*CP*TP*TP*TP*AP*AP*AP*AP*GP*GP*GP*CP*A)-3')"
3 polymer "DNA (5'-D(*TP*GP*CP*CP*CP*TP*TP*TP*TP*AP*AP*AP*GP*C)-3')"
4 water water
#
loop_
_entity_poly.entity_id
_entity_poly.type
_entity_poly.pdbx_seq_one_letter_code
_entity_poly.pdbx_strand_id
1 'polypeptide(L)'
;MTDQGLEGSNPVDLSKHPSGIVPTLQNIVSTVNLDCKLDLKAIALQARNAEYNPKRFAAVIMRIREPKTTALIFASGKMV
CTGAKSEDFSKMAARKYARIVQKLGFPAKFKDFKIQNIVGSCDVKFPIRLEGLAYSHAAFSSYEPELFPGLIYRMKVPKI
VLLIFVSGKIVITGAKMRDETYKAFENIYPVLSEFRKIQQ
;
A,B
2 'polydeoxyribonucleotide' (DG)(DC)(DT)(DT)(DT)(DA)(DA)(DA)(DA)(DG)(DG)(DG)(DC)(DA) C,E
3 'polydeoxyribonucleotide' (DT)(DG)(DC)(DC)(DC)(DT)(DT)(DT)(DT)(DA)(DA)(DA)(DG)(DC) D,F
#
loop_
_chem_comp.id
_chem_comp.type
_chem_comp.name
_chem_comp.formula
DA DNA linking 2'-DEOXYADENOSINE-5'-MONOPHOSPHATE 'C10 H14 N5 O6 P'
DC DNA linking 2'-DEOXYCYTIDINE-5'-MONOPHOSPHATE 'C9 H14 N3 O7 P'
DG DNA linking 2'-DEOXYGUANOSINE-5'-MONOPHOSPHATE 'C10 H14 N5 O7 P'
DT DNA linking THYMIDINE-5'-MONOPHOSPHATE 'C10 H15 N2 O8 P'
#
# COMPACT_ATOMS: atom_id res chain seq x y z
N HIS A 17 -10.02 1.56 3.54
CA HIS A 17 -9.30 0.52 2.75
C HIS A 17 -8.38 1.15 1.70
N PRO A 18 -7.32 1.85 2.15
CA PRO A 18 -6.37 2.49 1.22
C PRO A 18 -5.71 1.51 0.26
N SER A 19 -5.68 0.24 0.66
CA SER A 19 -5.10 -0.84 -0.15
C SER A 19 -5.98 -1.10 -1.37
N GLY A 20 -7.27 -0.79 -1.22
CA GLY A 20 -8.24 -1.02 -2.28
C GLY A 20 -8.83 -2.43 -2.19
N ILE A 21 -8.42 -3.18 -1.18
CA ILE A 21 -8.90 -4.54 -1.01
C ILE A 21 -9.68 -4.62 0.30
N VAL A 22 -10.85 -5.26 0.24
CA VAL A 22 -11.67 -5.42 1.43
C VAL A 22 -11.76 -6.89 1.78
N PRO A 23 -11.26 -7.27 2.96
CA PRO A 23 -11.28 -8.66 3.40
C PRO A 23 -12.73 -9.18 3.41
N THR A 24 -12.90 -10.41 2.97
CA THR A 24 -14.20 -11.07 2.92
C THR A 24 -14.43 -11.80 4.24
N LEU A 25 -15.54 -11.52 4.89
CA LEU A 25 -15.86 -12.19 6.16
C LEU A 25 -16.29 -13.62 5.83
N GLN A 26 -15.65 -14.58 6.50
CA GLN A 26 -15.90 -16.00 6.28
C GLN A 26 -16.61 -16.77 7.41
N ASN A 27 -16.47 -16.29 8.63
CA ASN A 27 -17.07 -16.99 9.76
C ASN A 27 -17.21 -16.03 10.92
N ILE A 28 -18.32 -16.15 11.63
CA ILE A 28 -18.62 -15.33 12.79
C ILE A 28 -19.03 -16.25 13.96
N VAL A 29 -18.47 -15.98 15.13
CA VAL A 29 -18.83 -16.74 16.32
C VAL A 29 -19.45 -15.73 17.26
N SER A 30 -20.66 -16.03 17.74
CA SER A 30 -21.34 -15.15 18.66
C SER A 30 -21.94 -15.95 19.80
N THR A 31 -22.30 -15.26 20.87
CA THR A 31 -22.91 -15.89 22.03
C THR A 31 -24.10 -15.03 22.45
N VAL A 32 -25.08 -15.69 23.06
CA VAL A 32 -26.25 -15.00 23.60
C VAL A 32 -26.71 -15.83 24.78
N ASN A 33 -27.37 -15.18 25.72
CA ASN A 33 -27.86 -15.86 26.92
C ASN A 33 -29.37 -15.96 26.82
N LEU A 34 -29.86 -17.17 26.61
CA LEU A 34 -31.31 -17.35 26.51
C LEU A 34 -31.94 -17.04 27.86
N ASP A 35 -31.09 -16.95 28.87
CA ASP A 35 -31.48 -16.57 30.21
C ASP A 35 -32.54 -17.45 30.85
N CYS A 36 -32.30 -18.76 30.82
CA CYS A 36 -33.22 -19.72 31.42
C CYS A 36 -32.61 -21.11 31.29
N LYS A 37 -32.85 -21.93 32.29
CA LYS A 37 -32.32 -23.29 32.32
C LYS A 37 -32.99 -24.11 31.23
N LEU A 38 -32.20 -24.97 30.60
CA LEU A 38 -32.70 -25.79 29.51
C LEU A 38 -32.52 -27.28 29.75
N ASP A 39 -33.51 -28.07 29.33
CA ASP A 39 -33.48 -29.52 29.45
C ASP A 39 -32.96 -30.00 28.10
N LEU A 40 -31.68 -30.32 28.05
CA LEU A 40 -31.06 -30.74 26.80
C LEU A 40 -31.61 -32.04 26.23
N LYS A 41 -31.86 -33.02 27.08
CA LYS A 41 -32.41 -34.30 26.63
C LYS A 41 -33.80 -34.11 25.99
N ALA A 42 -34.57 -33.16 26.51
CA ALA A 42 -35.91 -32.85 25.98
C ALA A 42 -35.82 -32.11 24.66
N ILE A 43 -34.86 -31.20 24.54
CA ILE A 43 -34.68 -30.44 23.30
C ILE A 43 -34.23 -31.39 22.21
N ALA A 44 -33.32 -32.28 22.56
CA ALA A 44 -32.75 -33.25 21.63
C ALA A 44 -33.80 -34.21 21.06
N LEU A 45 -34.79 -34.55 21.86
CA LEU A 45 -35.81 -35.45 21.38
C LEU A 45 -36.91 -34.73 20.58
N GLN A 46 -37.27 -33.53 21.02
CA GLN A 46 -38.31 -32.75 20.34
C GLN A 46 -37.83 -32.11 19.03
N ALA A 47 -36.66 -31.48 19.03
CA ALA A 47 -36.13 -30.84 17.83
C ALA A 47 -35.81 -31.86 16.75
N ARG A 48 -35.66 -31.40 15.50
CA ARG A 48 -35.33 -32.30 14.40
C ARG A 48 -33.87 -32.07 14.00
N ASN A 49 -33.47 -30.82 14.01
CA ASN A 49 -32.10 -30.44 13.64
C ASN A 49 -31.13 -30.50 14.83
N ALA A 50 -31.29 -31.51 15.70
CA ALA A 50 -30.44 -31.60 16.89
C ALA A 50 -29.69 -32.91 17.10
N GLU A 51 -28.48 -32.80 17.66
CA GLU A 51 -27.68 -33.96 17.98
C GLU A 51 -27.10 -33.71 19.37
N TYR A 52 -27.20 -34.70 20.24
CA TYR A 52 -26.72 -34.54 21.60
C TYR A 52 -26.10 -35.79 22.20
N ASN A 53 -24.85 -35.68 22.63
CA ASN A 53 -24.18 -36.79 23.29
C ASN A 53 -23.38 -36.17 24.41
N PRO A 54 -23.95 -36.10 25.60
CA PRO A 54 -23.26 -35.52 26.76
C PRO A 54 -21.94 -36.22 27.08
N LYS A 55 -21.79 -37.48 26.68
CA LYS A 55 -20.54 -38.19 26.94
C LYS A 55 -19.46 -37.55 26.11
N ARG A 56 -19.86 -36.96 24.99
CA ARG A 56 -18.93 -36.31 24.09
C ARG A 56 -18.79 -34.81 24.34
N PHE A 57 -19.90 -34.11 24.49
CA PHE A 57 -19.85 -32.67 24.70
C PHE A 57 -21.10 -32.23 25.46
N ALA A 58 -20.96 -31.21 26.29
CA ALA A 58 -22.07 -30.72 27.10
C ALA A 58 -23.17 -29.96 26.35
N ALA A 59 -23.10 -29.87 25.03
CA ALA A 59 -24.11 -29.11 24.30
C ALA A 59 -24.98 -29.87 23.30
N VAL A 60 -26.16 -29.32 23.05
CA VAL A 60 -27.04 -29.86 22.03
C VAL A 60 -26.55 -29.09 20.80
N ILE A 61 -26.25 -29.82 19.72
CA ILE A 61 -25.77 -29.21 18.49
C ILE A 61 -26.98 -29.13 17.57
N MET A 62 -27.21 -27.95 17.02
CA MET A 62 -28.36 -27.73 16.15
C MET A 62 -27.93 -26.90 14.95
N ARG A 63 -28.52 -27.14 13.79
CA ARG A 63 -28.15 -26.37 12.62
C ARG A 63 -29.37 -25.91 11.87
N ILE A 64 -29.25 -24.75 11.23
CA ILE A 64 -30.32 -24.22 10.40
C ILE A 64 -29.69 -23.95 9.04
N ARG A 65 -30.54 -23.95 8.03
CA ARG A 65 -30.12 -23.74 6.66
C ARG A 65 -29.87 -22.29 6.26
N GLU A 66 -30.62 -21.36 6.84
CA GLU A 66 -30.47 -19.95 6.50
C GLU A 66 -30.71 -19.02 7.67
N PRO A 67 -29.67 -18.26 8.10
CA PRO A 67 -28.32 -18.26 7.51
C PRO A 67 -27.68 -19.59 7.89
N LYS A 68 -26.87 -20.16 7.02
CA LYS A 68 -26.24 -21.44 7.33
C LYS A 68 -25.33 -21.31 8.56
N THR A 69 -25.77 -21.89 9.68
CA THR A 69 -25.03 -21.82 10.93
C THR A 69 -25.21 -23.09 11.74
N THR A 70 -24.42 -23.20 12.81
CA THR A 70 -24.48 -24.30 13.75
C THR A 70 -24.49 -23.67 15.13
N ALA A 71 -25.41 -24.08 15.99
CA ALA A 71 -25.49 -23.56 17.34
C ALA A 71 -25.12 -24.63 18.36
N LEU A 72 -24.54 -24.18 19.48
CA LEU A 72 -24.19 -25.06 20.59
C LEU A 72 -25.04 -24.49 21.73
N ILE A 73 -26.00 -25.29 22.18
CA ILE A 73 -26.96 -24.91 23.22
C ILE A 73 -26.69 -25.67 24.50
N PHE A 74 -26.47 -24.94 25.58
CA PHE A 74 -26.14 -25.53 26.86
C PHE A 74 -27.28 -25.48 27.90
N ALA A 75 -27.23 -26.38 28.87
CA ALA A 75 -28.25 -26.45 29.92
C ALA A 75 -28.44 -25.15 30.70
N SER A 76 -27.38 -24.36 30.77
CA SER A 76 -27.38 -23.07 31.46
C SER A 76 -28.21 -22.01 30.76
N GLY A 77 -28.50 -22.24 29.47
CA GLY A 77 -29.25 -21.26 28.71
C GLY A 77 -28.32 -20.46 27.79
N LYS A 78 -27.01 -20.59 28.00
CA LYS A 78 -26.02 -19.90 27.16
C LYS A 78 -26.01 -20.61 25.80
N MET A 79 -25.68 -19.86 24.75
CA MET A 79 -25.65 -20.43 23.42
C MET A 79 -24.54 -19.80 22.57
N VAL A 80 -23.92 -20.62 21.75
CA VAL A 80 -22.86 -20.20 20.84
C VAL A 80 -23.39 -20.41 19.44
N CYS A 81 -23.20 -19.42 18.58
CA CYS A 81 -23.65 -19.51 17.19
C CYS A 81 -22.40 -19.38 16.31
N THR A 82 -22.21 -20.31 15.38
CA THR A 82 -21.04 -20.32 14.51
C THR A 82 -21.38 -20.46 13.03
N GLY A 83 -20.45 -20.08 12.16
CA GLY A 83 -20.65 -20.24 10.74
C GLY A 83 -21.22 -19.11 9.87
N ALA A 84 -21.85 -18.11 10.49
CA ALA A 84 -22.43 -17.00 9.72
C ALA A 84 -21.37 -16.18 8.97
N LYS A 85 -21.77 -15.54 7.88
CA LYS A 85 -20.87 -14.71 7.09
C LYS A 85 -20.81 -13.25 7.49
N SER A 86 -21.66 -12.83 8.43
CA SER A 86 -21.64 -11.46 8.90
C SER A 86 -22.24 -11.42 10.30
N GLU A 87 -22.04 -10.29 10.98
CA GLU A 87 -22.53 -10.07 12.32
C GLU A 87 -24.05 -10.12 12.34
N ASP A 88 -24.67 -9.45 11.36
CA ASP A 88 -26.12 -9.43 11.25
C ASP A 88 -26.68 -10.84 11.08
N PHE A 89 -26.11 -11.60 10.15
CA PHE A 89 -26.52 -12.98 9.91
C PHE A 89 -26.35 -13.82 11.16
N SER A 90 -25.26 -13.61 11.89
CA SER A 90 -25.02 -14.35 13.13
C SER A 90 -26.14 -14.07 14.13
N LYS A 91 -26.52 -12.80 14.24
CA LYS A 91 -27.58 -12.41 15.15
C LYS A 91 -28.92 -12.97 14.70
N MET A 92 -29.16 -12.93 13.39
CA MET A 92 -30.39 -13.46 12.83
C MET A 92 -30.52 -14.97 13.07
N ALA A 93 -29.42 -15.69 12.89
CA ALA A 93 -29.41 -17.13 13.12
C ALA A 93 -29.62 -17.43 14.60
N ALA A 94 -28.91 -16.71 15.47
CA ALA A 94 -29.05 -16.92 16.91
C ALA A 94 -30.52 -16.69 17.33
N ARG A 95 -31.15 -15.66 16.77
CA ARG A 95 -32.55 -15.37 17.10
C ARG A 95 -33.44 -16.53 16.64
N LYS A 96 -33.10 -17.15 15.51
CA LYS A 96 -33.87 -18.28 15.00
C LYS A 96 -33.75 -19.48 15.94
N TYR A 97 -32.56 -19.70 16.47
CA TYR A 97 -32.36 -20.79 17.41
C TYR A 97 -33.14 -20.48 18.69
N ALA A 98 -33.11 -19.22 19.12
CA ALA A 98 -33.84 -18.83 20.33
C ALA A 98 -35.34 -19.12 20.16
N ARG A 99 -35.87 -18.91 18.96
CA ARG A 99 -37.30 -19.16 18.67
C ARG A 99 -37.61 -20.65 18.71
N ILE A 100 -36.72 -21.46 18.14
CA ILE A 100 -36.89 -22.92 18.13
C ILE A 100 -37.01 -23.39 19.57
N VAL A 101 -36.09 -22.92 20.42
CA VAL A 101 -36.08 -23.27 21.83
C VAL A 101 -37.35 -22.79 22.55
N GLN A 102 -37.78 -21.57 22.26
CA GLN A 102 -39.01 -21.03 22.84
C GLN A 102 -40.20 -21.91 22.46
N LYS A 103 -40.31 -22.23 21.18
CA LYS A 103 -41.40 -23.05 20.68
C LYS A 103 -41.42 -24.45 21.29
N LEU A 104 -40.33 -24.83 21.91
CA LEU A 104 -40.20 -26.14 22.56
C LEU A 104 -40.67 -26.04 24.01
N GLY A 105 -41.15 -24.88 24.40
CA GLY A 105 -41.65 -24.71 25.75
C GLY A 105 -40.74 -24.05 26.77
N PHE A 106 -39.64 -23.44 26.35
CA PHE A 106 -38.76 -22.80 27.32
C PHE A 106 -38.92 -21.29 27.24
N PRO A 107 -38.88 -20.59 28.39
CA PRO A 107 -39.03 -19.13 28.42
C PRO A 107 -37.73 -18.41 27.99
N ALA A 108 -37.26 -18.72 26.79
CA ALA A 108 -36.02 -18.14 26.29
C ALA A 108 -36.14 -16.65 25.99
N LYS A 109 -35.10 -15.90 26.32
CA LYS A 109 -35.01 -14.47 26.05
C LYS A 109 -33.86 -14.36 25.05
N PHE A 110 -33.28 -13.18 24.91
CA PHE A 110 -32.17 -12.97 23.99
C PHE A 110 -31.28 -11.95 24.67
N LYS A 111 -30.66 -12.39 25.75
CA LYS A 111 -29.81 -11.55 26.59
C LYS A 111 -28.32 -11.51 26.22
N ASP A 112 -27.78 -10.30 26.25
CA ASP A 112 -26.38 -10.06 25.98
C ASP A 112 -25.77 -10.69 24.74
N PHE A 113 -26.39 -10.48 23.58
CA PHE A 113 -25.85 -11.00 22.35
C PHE A 113 -24.48 -10.34 22.14
N LYS A 114 -23.46 -11.13 21.79
CA LYS A 114 -22.13 -10.57 21.58
C LYS A 114 -21.31 -11.28 20.52
N ILE A 115 -20.69 -10.51 19.64
CA ILE A 115 -19.81 -11.06 18.62
C ILE A 115 -18.51 -11.37 19.35
N GLN A 116 -18.13 -12.64 19.31
CA GLN A 116 -16.93 -13.13 19.98
C GLN A 116 -15.69 -13.27 19.09
N ASN A 117 -15.90 -13.53 17.81
CA ASN A 117 -14.79 -13.70 16.87
C ASN A 117 -15.28 -13.55 15.43
N ILE A 118 -14.48 -12.85 14.63
CA ILE A 118 -14.77 -12.63 13.22
C ILE A 118 -13.54 -13.14 12.45
N VAL A 119 -13.79 -13.93 11.41
CA VAL A 119 -12.72 -14.50 10.59
C VAL A 119 -12.90 -13.98 9.18
N GLY A 120 -11.83 -13.45 8.60
CA GLY A 120 -11.93 -12.93 7.25
C GLY A 120 -10.73 -13.35 6.43
N SER A 121 -10.82 -13.19 5.11
CA SER A 121 -9.71 -13.54 4.23
C SER A 121 -9.70 -12.63 3.01
N CYS A 122 -8.52 -12.47 2.40
CA CYS A 122 -8.37 -11.67 1.20
C CYS A 122 -7.17 -12.16 0.40
N ASP A 123 -6.97 -11.56 -0.76
CA ASP A 123 -5.92 -11.96 -1.67
C ASP A 123 -5.24 -10.70 -2.21
N VAL A 124 -3.96 -10.51 -1.89
CA VAL A 124 -3.24 -9.35 -2.37
C VAL A 124 -2.76 -9.55 -3.82
N LYS A 125 -2.92 -10.77 -4.31
CA LYS A 125 -2.59 -11.12 -5.68
C LYS A 125 -1.13 -11.01 -6.09
N PHE A 126 -0.24 -11.30 -5.16
CA PHE A 126 1.19 -11.32 -5.44
C PHE A 126 1.81 -12.22 -4.40
N PRO A 127 2.81 -13.00 -4.80
CA PRO A 127 3.48 -13.91 -3.86
C PRO A 127 4.28 -13.17 -2.79
N ILE A 128 4.46 -13.84 -1.66
CA ILE A 128 5.16 -13.30 -0.50
C ILE A 128 6.36 -14.16 -0.09
N ARG A 129 7.45 -13.49 0.28
CA ARG A 129 8.65 -14.16 0.77
C ARG A 129 8.41 -14.27 2.27
N LEU A 130 7.78 -15.36 2.69
CA LEU A 130 7.44 -15.58 4.10
C LEU A 130 8.62 -15.55 5.04
N GLU A 131 9.69 -16.25 4.70
CA GLU A 131 10.86 -16.26 5.58
C GLU A 131 11.46 -14.88 5.77
N GLY A 132 11.53 -14.10 4.68
CA GLY A 132 12.08 -12.76 4.78
C GLY A 132 11.20 -11.91 5.65
N LEU A 133 9.89 -12.07 5.48
CA LEU A 133 8.92 -11.33 6.28
C LEU A 133 9.06 -11.71 7.76
N ALA A 134 9.09 -13.02 8.02
CA ALA A 134 9.22 -13.51 9.37
C ALA A 134 10.50 -12.99 10.05
N TYR A 135 11.61 -13.02 9.32
CA TYR A 135 12.90 -12.57 9.85
C TYR A 135 12.91 -11.11 10.29
N SER A 136 12.26 -10.24 9.51
CA SER A 136 12.22 -8.81 9.83
C SER A 136 11.18 -8.46 10.90
N HIS A 137 10.34 -9.42 11.26
CA HIS A 137 9.29 -9.22 12.26
C HIS A 137 9.28 -10.42 13.18
N ALA A 138 10.45 -10.79 13.67
CA ALA A 138 10.58 -11.94 14.54
C ALA A 138 9.72 -11.89 15.79
N ALA A 139 9.54 -10.69 16.33
CA ALA A 139 8.75 -10.50 17.54
C ALA A 139 7.25 -10.74 17.36
N PHE A 140 6.79 -10.82 16.11
CA PHE A 140 5.38 -11.04 15.83
C PHE A 140 5.13 -12.31 15.02
N SER A 141 6.18 -12.83 14.40
CA SER A 141 6.03 -13.98 13.50
C SER A 141 6.46 -15.35 13.96
N SER A 142 5.74 -16.36 13.47
CA SER A 142 6.04 -17.75 13.72
C SER A 142 5.93 -18.39 12.36
N TYR A 143 7.06 -18.86 11.83
CA TYR A 143 7.03 -19.50 10.52
C TYR A 143 7.79 -20.82 10.53
N GLU A 144 7.03 -21.91 10.64
CA GLU A 144 7.60 -23.25 10.64
C GLU A 144 6.82 -23.97 9.55
N PRO A 145 7.28 -23.84 8.29
CA PRO A 145 6.64 -24.47 7.12
C PRO A 145 6.39 -25.96 7.18
N GLU A 146 7.21 -26.70 7.92
CA GLU A 146 7.04 -28.13 8.05
C GLU A 146 5.82 -28.50 8.87
N LEU A 147 5.40 -27.63 9.76
CA LEU A 147 4.19 -27.86 10.57
C LEU A 147 2.96 -27.25 9.92
N PHE A 148 3.11 -26.06 9.32
CA PHE A 148 2.01 -25.36 8.67
C PHE A 148 2.61 -24.38 7.65
N PRO A 149 2.11 -24.39 6.41
CA PRO A 149 2.56 -23.52 5.30
C PRO A 149 2.43 -22.02 5.51
N GLY A 150 1.52 -21.60 6.40
CA GLY A 150 1.34 -20.18 6.63
C GLY A 150 2.16 -19.59 7.75
N LEU A 151 2.57 -18.36 7.57
CA LEU A 151 3.31 -17.64 8.59
C LEU A 151 2.26 -17.10 9.58
N ILE A 152 2.48 -17.30 10.87
CA ILE A 152 1.55 -16.84 11.90
C ILE A 152 2.02 -15.47 12.36
N TYR A 153 1.21 -14.44 12.07
CA TYR A 153 1.56 -13.07 12.45
C TYR A 153 0.64 -12.58 13.55
N ARG A 154 1.19 -12.45 14.75
CA ARG A 154 0.40 -11.98 15.88
C ARG A 154 0.53 -10.48 16.07
N MET A 155 -0.38 -9.75 15.44
CA MET A 155 -0.38 -8.29 15.49
C MET A 155 -0.85 -7.84 16.85
N LYS A 156 -0.19 -6.82 17.41
CA LYS A 156 -0.55 -6.32 18.73
C LYS A 156 -1.57 -5.18 18.68
N VAL A 157 -1.55 -4.40 17.61
CA VAL A 157 -2.49 -3.30 17.45
C VAL A 157 -3.02 -3.23 16.03
N PRO A 158 -4.27 -3.70 15.81
CA PRO A 158 -5.15 -4.28 16.83
C PRO A 158 -4.68 -5.69 17.15
N LYS A 159 -5.16 -6.27 18.25
CA LYS A 159 -4.75 -7.61 18.65
C LYS A 159 -5.44 -8.61 17.72
N ILE A 160 -4.75 -8.94 16.64
CA ILE A 160 -5.28 -9.82 15.59
C ILE A 160 -4.21 -10.80 15.09
N VAL A 161 -4.65 -11.98 14.68
CA VAL A 161 -3.73 -12.96 14.13
C VAL A 161 -3.97 -13.11 12.62
N LEU A 162 -2.90 -12.96 11.86
CA LEU A 162 -2.97 -13.08 10.41
C LEU A 162 -2.17 -14.30 9.99
N LEU A 163 -2.74 -15.11 9.09
CA LEU A 163 -2.06 -16.28 8.56
C LEU A 163 -1.70 -15.83 7.14
N ILE A 164 -0.40 -15.67 6.89
CA ILE A 164 0.12 -15.17 5.62
C ILE A 164 0.73 -16.30 4.78
N PHE A 165 0.20 -16.49 3.58
CA PHE A 165 0.68 -17.56 2.71
C PHE A 165 1.51 -17.07 1.54
N VAL A 166 2.32 -17.95 0.96
CA VAL A 166 3.20 -17.58 -0.16
C VAL A 166 2.41 -17.05 -1.35
N SER A 167 1.19 -17.53 -1.53
CA SER A 167 0.32 -17.13 -2.61
C SER A 167 -0.16 -15.68 -2.55
N GLY A 168 -0.13 -15.09 -1.37
CA GLY A 168 -0.63 -13.74 -1.25
C GLY A 168 -2.03 -13.78 -0.62
N LYS A 169 -2.53 -14.98 -0.37
CA LYS A 169 -3.82 -15.14 0.29
C LYS A 169 -3.58 -15.01 1.79
N ILE A 170 -4.50 -14.33 2.47
CA ILE A 170 -4.36 -14.05 3.89
C ILE A 170 -5.62 -14.38 4.69
N VAL A 171 -5.45 -14.89 5.90
CA VAL A 171 -6.58 -15.16 6.77
C VAL A 171 -6.34 -14.21 7.94
N ILE A 172 -7.41 -13.57 8.40
CA ILE A 172 -7.33 -12.60 9.50
C ILE A 172 -8.39 -13.02 10.53
N THR A 173 -7.95 -13.34 11.75
CA THR A 173 -8.88 -13.79 12.76
C THR A 173 -8.62 -13.22 14.15
N GLY A 174 -9.63 -13.29 15.00
CA GLY A 174 -9.50 -12.80 16.36
C GLY A 174 -10.26 -11.51 16.63
N ALA A 175 -10.84 -10.91 15.59
CA ALA A 175 -11.58 -9.65 15.73
C ALA A 175 -12.97 -9.81 16.31
N LYS A 176 -13.38 -8.82 17.09
CA LYS A 176 -14.72 -8.79 17.65
C LYS A 176 -15.51 -7.70 16.91
N MET A 177 -14.82 -6.94 16.06
CA MET A 177 -15.42 -5.86 15.25
C MET A 177 -14.75 -5.91 13.89
N ARG A 178 -15.51 -5.76 12.82
CA ARG A 178 -14.95 -5.81 11.48
C ARG A 178 -13.89 -4.75 11.18
N ASP A 179 -13.94 -3.63 11.89
CA ASP A 179 -12.94 -2.58 11.69
C ASP A 179 -11.55 -3.07 12.12
N GLU A 180 -11.51 -4.01 13.05
CA GLU A 180 -10.24 -4.58 13.52
C GLU A 180 -9.69 -5.46 12.40
N THR A 181 -10.57 -6.21 11.73
CA THR A 181 -10.17 -7.06 10.62
C THR A 181 -9.56 -6.19 9.50
N TYR A 182 -10.23 -5.09 9.18
CA TYR A 182 -9.79 -4.16 8.14
C TYR A 182 -8.50 -3.46 8.51
N LYS A 183 -8.42 -3.01 9.76
CA LYS A 183 -7.26 -2.29 10.24
C LYS A 183 -6.01 -3.18 10.27
N ALA A 184 -6.17 -4.41 10.73
CA ALA A 184 -5.04 -5.33 10.78
C ALA A 184 -4.56 -5.58 9.37
N PHE A 185 -5.48 -5.70 8.42
CA PHE A 185 -5.10 -5.92 7.05
C PHE A 185 -4.38 -4.72 6.45
N GLU A 186 -4.92 -3.52 6.68
CA GLU A 186 -4.31 -2.31 6.16
C GLU A 186 -2.91 -2.12 6.76
N ASN A 187 -2.77 -2.51 8.01
CA ASN A 187 -1.49 -2.42 8.70
C ASN A 187 -0.46 -3.34 8.05
N ILE A 188 -0.90 -4.53 7.64
CA ILE A 188 0.01 -5.51 7.06
C ILE A 188 0.32 -5.32 5.58
N TYR A 189 -0.60 -4.70 4.84
CA TYR A 189 -0.43 -4.52 3.42
C TYR A 189 0.96 -3.99 2.97
N PRO A 190 1.40 -2.86 3.51
CA PRO A 190 2.72 -2.37 3.08
C PRO A 190 3.87 -3.30 3.44
N VAL A 191 3.69 -4.12 4.47
CA VAL A 191 4.71 -5.08 4.88
C VAL A 191 4.70 -6.23 3.85
N LEU A 192 3.50 -6.63 3.42
CA LEU A 192 3.38 -7.68 2.41
C LEU A 192 4.06 -7.20 1.12
N SER A 193 3.83 -5.94 0.76
CA SER A 193 4.43 -5.36 -0.45
C SER A 193 5.95 -5.33 -0.35
N GLU A 194 6.47 -4.98 0.81
CA GLU A 194 7.90 -4.93 1.02
C GLU A 194 8.51 -6.31 0.79
N PHE A 195 7.74 -7.35 1.12
CA PHE A 195 8.23 -8.71 0.97
C PHE A 195 7.65 -9.48 -0.21
N ARG A 196 7.26 -8.73 -1.24
CA ARG A 196 6.71 -9.32 -2.45
C ARG A 196 7.80 -10.17 -3.10
N LYS A 197 7.42 -11.39 -3.48
CA LYS A 197 8.36 -12.30 -4.09
C LYS A 197 8.48 -12.00 -5.57
N ILE A 198 9.68 -11.56 -5.96
CA ILE A 198 9.98 -11.23 -7.36
C ILE A 198 10.41 -12.49 -8.12
N VAL B 12 -1.63 7.60 2.44
CA VAL B 12 -0.99 7.15 1.17
C VAL B 12 -1.94 6.22 0.42
N ASP B 13 -2.10 6.44 -0.87
CA ASP B 13 -2.95 5.60 -1.67
C ASP B 13 -2.17 4.31 -1.98
N LEU B 14 -2.34 3.32 -1.11
CA LEU B 14 -1.66 2.02 -1.23
C LEU B 14 -1.92 1.26 -2.51
N SER B 15 -2.98 1.61 -3.24
CA SER B 15 -3.22 0.94 -4.49
C SER B 15 -2.26 1.48 -5.54
N LYS B 16 -1.77 2.71 -5.34
CA LYS B 16 -0.81 3.32 -6.27
C LYS B 16 0.61 3.23 -5.69
N HIS B 17 0.68 3.12 -4.37
CA HIS B 17 1.95 3.02 -3.66
C HIS B 17 1.86 1.90 -2.62
N PRO B 18 1.87 0.64 -3.08
CA PRO B 18 1.77 -0.57 -2.23
C PRO B 18 2.75 -0.56 -1.06
N SER B 19 3.93 -0.01 -1.29
CA SER B 19 4.97 0.08 -0.28
C SER B 19 4.56 1.00 0.87
N GLY B 20 3.66 1.93 0.55
CA GLY B 20 3.22 2.90 1.54
C GLY B 20 4.17 4.09 1.58
N ILE B 21 5.11 4.13 0.64
CA ILE B 21 6.10 5.20 0.55
C ILE B 21 5.96 5.92 -0.80
N VAL B 22 5.92 7.25 -0.76
CA VAL B 22 5.79 8.04 -1.97
C VAL B 22 7.03 8.91 -2.18
N PRO B 23 7.75 8.68 -3.29
CA PRO B 23 8.96 9.49 -3.56
C PRO B 23 8.60 10.97 -3.64
N THR B 24 9.52 11.82 -3.21
CA THR B 24 9.36 13.26 -3.24
C THR B 24 10.01 13.80 -4.51
N LEU B 25 9.30 14.63 -5.27
CA LEU B 25 9.89 15.18 -6.48
C LEU B 25 10.84 16.31 -6.08
N GLN B 26 12.05 16.28 -6.63
CA GLN B 26 13.08 17.25 -6.29
C GLN B 26 13.46 18.22 -7.42
N ASN B 27 13.25 17.81 -8.66
CA ASN B 27 13.65 18.65 -9.78
C ASN B 27 12.92 18.23 -11.02
N ILE B 28 12.55 19.21 -11.82
CA ILE B 28 11.85 18.98 -13.06
C ILE B 28 12.53 19.78 -14.17
N VAL B 29 12.72 19.15 -15.32
CA VAL B 29 13.31 19.81 -16.48
C VAL B 29 12.23 19.73 -17.53
N SER B 30 11.90 20.88 -18.12
CA SER B 30 10.88 20.95 -19.15
C SER B 30 11.39 21.85 -20.28
N THR B 31 10.78 21.72 -21.46
CA THR B 31 11.12 22.52 -22.61
C THR B 31 9.85 23.07 -23.24
N VAL B 32 9.97 24.19 -23.92
CA VAL B 32 8.83 24.80 -24.59
C VAL B 32 9.39 25.56 -25.78
N ASN B 33 8.55 25.77 -26.78
CA ASN B 33 8.98 26.47 -27.98
C ASN B 33 8.27 27.82 -27.98
N LEU B 34 9.03 28.89 -27.84
CA LEU B 34 8.43 30.22 -27.82
C LEU B 34 7.91 30.55 -29.22
N ASP B 35 8.39 29.79 -30.20
CA ASP B 35 7.95 29.94 -31.57
C ASP B 35 8.25 31.31 -32.18
N CYS B 36 9.52 31.72 -32.10
CA CYS B 36 9.99 32.97 -32.67
C CYS B 36 11.47 33.16 -32.38
N LYS B 37 12.19 33.72 -33.35
CA LYS B 37 13.62 33.94 -33.18
C LYS B 37 13.80 34.98 -32.08
N LEU B 38 14.86 34.83 -31.31
CA LEU B 38 15.14 35.75 -30.22
C LEU B 38 16.51 36.40 -30.36
N ASP B 39 16.56 37.70 -30.05
CA ASP B 39 17.81 38.45 -30.09
C ASP B 39 18.36 38.33 -28.68
N LEU B 40 19.32 37.42 -28.49
CA LEU B 40 19.86 37.17 -27.16
C LEU B 40 20.61 38.31 -26.47
N LYS B 41 21.43 39.04 -27.21
CA LYS B 41 22.17 40.16 -26.63
C LYS B 41 21.19 41.24 -26.17
N ALA B 42 20.13 41.43 -26.94
CA ALA B 42 19.09 42.40 -26.62
C ALA B 42 18.41 41.99 -25.32
N ILE B 43 18.12 40.70 -25.19
CA ILE B 43 17.45 40.20 -24.00
C ILE B 43 18.38 40.35 -22.80
N ALA B 44 19.65 40.03 -22.99
CA ALA B 44 20.63 40.13 -21.92
C ALA B 44 20.82 41.58 -21.47
N LEU B 45 20.59 42.52 -22.39
CA LEU B 45 20.76 43.94 -22.09
C LEU B 45 19.49 44.60 -21.52
N GLN B 46 18.33 44.11 -21.94
CA GLN B 46 17.07 44.69 -21.50
C GLN B 46 16.44 44.04 -20.27
N ALA B 47 16.66 42.74 -20.11
CA ALA B 47 16.09 42.03 -18.98
C ALA B 47 16.83 42.31 -17.70
N ARG B 48 16.10 42.36 -16.59
CA ARG B 48 16.70 42.60 -15.30
C ARG B 48 17.31 41.26 -14.86
N ASN B 49 18.62 41.28 -14.69
CA ASN B 49 19.38 40.12 -14.26
C ASN B 49 19.31 38.88 -15.14
N ALA B 50 19.97 38.95 -16.29
CA ALA B 50 20.04 37.84 -17.23
C ALA B 50 21.54 37.68 -17.48
N GLU B 51 22.02 36.45 -17.55
CA GLU B 51 23.44 36.21 -17.80
C GLU B 51 23.59 35.67 -19.18
N TYR B 52 24.56 36.20 -19.92
CA TYR B 52 24.77 35.74 -21.28
C TYR B 52 26.22 35.85 -21.71
N ASN B 53 26.84 34.70 -21.96
CA ASN B 53 28.22 34.67 -22.44
C ASN B 53 28.22 33.63 -23.53
N PRO B 54 27.98 34.06 -24.77
CA PRO B 54 27.94 33.13 -25.91
C PRO B 54 29.25 32.36 -26.10
N LYS B 55 30.32 32.84 -25.49
CA LYS B 55 31.60 32.16 -25.59
C LYS B 55 31.55 30.92 -24.70
N ARG B 56 30.71 30.98 -23.68
CA ARG B 56 30.57 29.87 -22.74
C ARG B 56 29.42 28.92 -23.10
N PHE B 57 28.29 29.49 -23.50
CA PHE B 57 27.11 28.68 -23.82
C PHE B 57 26.16 29.51 -24.71
N ALA B 58 25.50 28.81 -25.64
CA ALA B 58 24.58 29.44 -26.56
C ALA B 58 23.27 29.98 -25.99
N ALA B 59 23.18 30.22 -24.69
CA ALA B 59 21.93 30.68 -24.14
C ALA B 59 22.00 31.79 -23.11
N VAL B 60 20.88 32.47 -22.95
CA VAL B 60 20.73 33.50 -21.93
C VAL B 60 20.18 32.71 -20.74
N ILE B 61 20.83 32.85 -19.60
CA ILE B 61 20.42 32.18 -18.37
C ILE B 61 19.64 33.21 -17.55
N MET B 62 18.42 32.86 -17.19
CA MET B 62 17.55 33.75 -16.43
C MET B 62 16.94 33.00 -15.27
N ARG B 63 16.61 33.69 -14.18
CA ARG B 63 16.03 33.05 -13.00
C ARG B 63 14.89 33.85 -12.39
N ILE B 64 13.95 33.16 -11.74
CA ILE B 64 12.84 33.81 -11.07
C ILE B 64 12.73 33.13 -9.70
N ARG B 65 12.17 33.83 -8.72
CA ARG B 65 12.02 33.31 -7.37
C ARG B 65 10.87 32.35 -7.18
N GLU B 66 9.75 32.58 -7.86
CA GLU B 66 8.57 31.73 -7.70
C GLU B 66 7.85 31.40 -8.99
N PRO B 67 7.85 30.13 -9.41
CA PRO B 67 8.52 29.01 -8.72
C PRO B 67 10.02 29.17 -8.91
N LYS B 68 10.81 28.84 -7.90
CA LYS B 68 12.25 28.98 -8.01
C LYS B 68 12.76 28.09 -9.13
N THR B 69 13.18 28.72 -10.23
CA THR B 69 13.67 28.01 -11.41
C THR B 69 14.75 28.80 -12.16
N THR B 70 15.35 28.16 -13.15
CA THR B 70 16.36 28.75 -14.02
C THR B 70 15.98 28.35 -15.43
N ALA B 71 15.91 29.30 -16.34
CA ALA B 71 15.60 29.00 -17.72
C ALA B 71 16.84 29.21 -18.57
N LEU B 72 16.94 28.44 -19.65
CA LEU B 72 18.03 28.56 -20.62
C LEU B 72 17.22 28.96 -21.85
N ILE B 73 17.44 30.18 -22.34
CA ILE B 73 16.69 30.70 -23.48
C ILE B 73 17.59 30.79 -24.70
N PHE B 74 17.14 30.18 -25.79
CA PHE B 74 17.94 30.15 -27.01
C PHE B 74 17.44 31.03 -28.15
N ALA B 75 18.35 31.40 -29.06
CA ALA B 75 18.00 32.27 -30.18
C ALA B 75 16.93 31.69 -31.10
N SER B 76 16.83 30.36 -31.11
CA SER B 76 15.85 29.64 -31.92
C SER B 76 14.43 29.77 -31.38
N GLY B 77 14.31 30.23 -30.15
CA GLY B 77 12.99 30.35 -29.54
C GLY B 77 12.75 29.21 -28.56
N LYS B 78 13.60 28.19 -28.61
CA LYS B 78 13.48 27.06 -27.70
C LYS B 78 13.92 27.49 -26.30
N MET B 79 13.28 26.93 -25.29
CA MET B 79 13.61 27.25 -23.91
C MET B 79 13.60 26.00 -23.02
N VAL B 80 14.54 25.95 -22.09
CA VAL B 80 14.64 24.85 -21.12
C VAL B 80 14.40 25.46 -19.73
N CYS B 81 13.50 24.86 -18.96
CA CYS B 81 13.19 25.34 -17.61
C CYS B 81 13.63 24.24 -16.64
N THR B 82 14.45 24.60 -15.65
CA THR B 82 14.97 23.63 -14.68
C THR B 82 14.73 24.08 -13.25
N GLY B 83 14.73 23.13 -12.33
CA GLY B 83 14.62 23.50 -10.92
C GLY B 83 13.28 23.44 -10.22
N ALA B 84 12.18 23.30 -10.95
CA ALA B 84 10.87 23.24 -10.31
C ALA B 84 10.68 21.94 -9.52
N LYS B 85 9.78 21.99 -8.55
CA LYS B 85 9.51 20.82 -7.72
C LYS B 85 8.34 19.97 -8.22
N SER B 86 7.65 20.42 -9.27
CA SER B 86 6.54 19.66 -9.82
C SER B 86 6.35 20.08 -11.25
N GLU B 87 5.57 19.27 -11.96
CA GLU B 87 5.27 19.48 -13.36
C GLU B 87 4.50 20.78 -13.54
N ASP B 88 3.53 21.00 -12.65
CA ASP B 88 2.70 22.21 -12.69
C ASP B 88 3.53 23.46 -12.48
N PHE B 89 4.44 23.42 -11.50
CA PHE B 89 5.32 24.55 -11.20
C PHE B 89 6.30 24.80 -12.34
N SER B 90 6.75 23.73 -12.96
CA SER B 90 7.68 23.84 -14.08
C SER B 90 6.98 24.59 -15.22
N LYS B 91 5.73 24.22 -15.49
CA LYS B 91 4.95 24.86 -16.55
C LYS B 91 4.67 26.33 -16.19
N MET B 92 4.32 26.57 -14.94
CA MET B 92 4.04 27.90 -14.41
C MET B 92 5.24 28.80 -14.62
N ALA B 93 6.41 28.32 -14.20
CA ALA B 93 7.66 29.06 -14.35
C ALA B 93 7.93 29.33 -15.83
N ALA B 94 7.82 28.30 -16.66
CA ALA B 94 8.03 28.45 -18.10
C ALA B 94 7.13 29.54 -18.68
N ARG B 95 5.86 29.58 -18.26
CA ARG B 95 4.94 30.58 -18.75
C ARG B 95 5.37 31.97 -18.34
N LYS B 96 5.97 32.09 -17.15
CA LYS B 96 6.45 33.38 -16.67
C LYS B 96 7.60 33.87 -17.55
N TYR B 97 8.57 32.99 -17.84
CA TYR B 97 9.70 33.34 -18.70
C TYR B 97 9.21 33.76 -20.09
N ALA B 98 8.23 33.04 -20.63
CA ALA B 98 7.68 33.36 -21.94
C ALA B 98 7.09 34.76 -21.90
N ARG B 99 6.44 35.10 -20.77
CA ARG B 99 5.83 36.42 -20.59
C ARG B 99 6.90 37.50 -20.47
N ILE B 100 7.96 37.22 -19.72
CA ILE B 100 9.07 38.16 -19.58
C ILE B 100 9.57 38.51 -21.00
N VAL B 101 9.79 37.48 -21.81
CA VAL B 101 10.26 37.63 -23.18
C VAL B 101 9.28 38.44 -24.01
N GLN B 102 7.98 38.19 -23.81
CA GLN B 102 6.92 38.92 -24.52
C GLN B 102 7.07 40.40 -24.20
N LYS B 103 7.16 40.72 -22.91
CA LYS B 103 7.30 42.08 -22.45
C LYS B 103 8.60 42.73 -22.91
N LEU B 104 9.54 41.93 -23.42
CA LEU B 104 10.79 42.47 -23.92
C LEU B 104 10.61 42.79 -25.40
N GLY B 105 9.38 42.59 -25.89
CA GLY B 105 9.08 42.89 -27.27
C GLY B 105 9.11 41.77 -28.29
N PHE B 106 9.18 40.52 -27.85
CA PHE B 106 9.20 39.42 -28.81
C PHE B 106 7.86 38.72 -28.80
N PRO B 107 7.31 38.39 -29.99
CA PRO B 107 6.02 37.72 -30.09
C PRO B 107 6.09 36.25 -29.63
N ALA B 108 6.41 36.05 -28.36
CA ALA B 108 6.52 34.69 -27.85
C ALA B 108 5.17 34.03 -27.66
N LYS B 109 5.14 32.74 -27.93
CA LYS B 109 3.96 31.90 -27.75
C LYS B 109 4.37 30.83 -26.72
N PHE B 110 3.61 29.76 -26.60
CA PHE B 110 3.93 28.71 -25.63
C PHE B 110 3.61 27.40 -26.33
N LYS B 111 4.46 27.06 -27.27
CA LYS B 111 4.30 25.87 -28.10
C LYS B 111 5.01 24.62 -27.59
N ASP B 112 4.36 23.48 -27.75
CA ASP B 112 4.90 22.18 -27.39
C ASP B 112 5.59 22.03 -26.04
N PHE B 113 4.95 22.53 -24.97
CA PHE B 113 5.52 22.39 -23.64
C PHE B 113 5.64 20.89 -23.33
N LYS B 114 6.78 20.48 -22.77
CA LYS B 114 7.01 19.09 -22.45
C LYS B 114 7.91 18.87 -21.24
N ILE B 115 7.51 17.92 -20.40
CA ILE B 115 8.29 17.52 -19.23
C ILE B 115 9.31 16.56 -19.83
N GLN B 116 10.58 16.89 -19.67
CA GLN B 116 11.68 16.09 -20.21
C GLN B 116 12.36 15.17 -19.21
N ASN B 117 12.37 15.59 -17.94
CA ASN B 117 13.00 14.79 -16.90
C ASN B 117 12.47 15.18 -15.52
N ILE B 118 12.21 14.17 -14.71
CA ILE B 118 11.71 14.33 -13.36
C ILE B 118 12.69 13.59 -12.46
N VAL B 119 13.12 14.26 -11.39
CA VAL B 119 14.06 13.69 -10.42
C VAL B 119 13.33 13.61 -9.10
N GLY B 120 13.39 12.45 -8.45
CA GLY B 120 12.73 12.26 -7.17
C GLY B 120 13.63 11.52 -6.20
N SER B 121 13.25 11.49 -4.92
CA SER B 121 14.04 10.78 -3.93
C SER B 121 13.15 10.23 -2.84
N CYS B 122 13.61 9.18 -2.17
CA CYS B 122 12.88 8.60 -1.06
C CYS B 122 13.79 7.81 -0.13
N ASP B 123 13.21 7.33 0.96
CA ASP B 123 13.94 6.64 1.98
C ASP B 123 13.19 5.36 2.37
N VAL B 124 13.83 4.21 2.17
CA VAL B 124 13.20 2.93 2.51
C VAL B 124 13.24 2.62 4.00
N LYS B 125 13.94 3.48 4.74
CA LYS B 125 14.06 3.38 6.20
C LYS B 125 14.84 2.17 6.75
N PHE B 126 15.80 1.68 5.98
CA PHE B 126 16.65 0.59 6.41
C PHE B 126 17.92 0.58 5.57
N PRO B 127 19.06 0.23 6.17
CA PRO B 127 20.35 0.21 5.47
C PRO B 127 20.40 -0.93 4.46
N ILE B 128 21.14 -0.71 3.38
CA ILE B 128 21.23 -1.68 2.29
C ILE B 128 22.65 -2.18 2.03
N ARG B 129 22.75 -3.47 1.74
CA ARG B 129 24.01 -4.15 1.39
C ARG B 129 24.19 -3.97 -0.12
N LEU B 130 24.83 -2.89 -0.51
CA LEU B 130 25.02 -2.59 -1.92
C LEU B 130 25.82 -3.63 -2.70
N GLU B 131 26.87 -4.17 -2.10
CA GLU B 131 27.69 -5.17 -2.80
C GLU B 131 26.83 -6.37 -3.21
N GLY B 132 25.96 -6.80 -2.30
CA GLY B 132 25.09 -7.94 -2.56
C GLY B 132 24.05 -7.66 -3.65
N LEU B 133 23.48 -6.47 -3.63
CA LEU B 133 22.50 -6.09 -4.63
C LEU B 133 23.17 -6.10 -6.00
N ALA B 134 24.32 -5.44 -6.08
CA ALA B 134 25.09 -5.35 -7.31
C ALA B 134 25.48 -6.71 -7.89
N TYR B 135 25.87 -7.64 -7.04
CA TYR B 135 26.25 -8.98 -7.49
C TYR B 135 25.04 -9.72 -8.08
N SER B 136 23.93 -9.67 -7.37
CA SER B 136 22.71 -10.34 -7.81
C SER B 136 22.06 -9.69 -9.01
N HIS B 137 22.40 -8.42 -9.24
CA HIS B 137 21.84 -7.64 -10.36
C HIS B 137 22.94 -7.00 -11.20
N ALA B 138 23.96 -7.78 -11.53
CA ALA B 138 25.11 -7.33 -12.32
C ALA B 138 24.74 -6.71 -13.66
N ALA B 139 23.68 -7.21 -14.28
CA ALA B 139 23.25 -6.68 -15.57
C ALA B 139 22.56 -5.31 -15.44
N PHE B 140 22.21 -4.91 -14.22
CA PHE B 140 21.54 -3.63 -13.99
C PHE B 140 22.37 -2.66 -13.15
N SER B 141 23.32 -3.21 -12.39
CA SER B 141 24.13 -2.44 -11.47
C SER B 141 25.54 -2.04 -11.83
N SER B 142 25.95 -0.93 -11.23
CA SER B 142 27.28 -0.41 -11.36
C SER B 142 27.58 0.16 -10.00
N TYR B 143 28.39 -0.55 -9.23
CA TYR B 143 28.76 -0.12 -7.91
C TYR B 143 30.26 -0.10 -7.74
N GLU B 144 30.82 1.11 -7.76
CA GLU B 144 32.25 1.33 -7.59
C GLU B 144 32.31 2.45 -6.55
N PRO B 145 32.23 2.10 -5.25
CA PRO B 145 32.27 3.08 -4.17
C PRO B 145 33.44 4.04 -4.13
N GLU B 146 34.56 3.67 -4.74
CA GLU B 146 35.72 4.56 -4.76
C GLU B 146 35.50 5.73 -5.71
N LEU B 147 34.56 5.56 -6.62
CA LEU B 147 34.21 6.60 -7.58
C LEU B 147 32.97 7.39 -7.09
N PHE B 148 31.96 6.66 -6.61
CA PHE B 148 30.72 7.26 -6.11
C PHE B 148 30.14 6.26 -5.09
N PRO B 149 29.70 6.76 -3.93
CA PRO B 149 29.14 5.89 -2.88
C PRO B 149 27.82 5.22 -3.20
N GLY B 150 27.14 5.68 -4.23
CA GLY B 150 25.87 5.08 -4.59
C GLY B 150 25.96 4.06 -5.71
N LEU B 151 25.11 3.05 -5.63
CA LEU B 151 25.04 2.02 -6.65
C LEU B 151 24.11 2.58 -7.73
N ILE B 152 24.58 2.57 -8.97
CA ILE B 152 23.81 3.05 -10.10
C ILE B 152 23.02 1.86 -10.64
N TYR B 153 21.69 1.93 -10.53
CA TYR B 153 20.80 0.88 -10.98
C TYR B 153 20.02 1.34 -12.22
N ARG B 154 20.29 0.70 -13.34
CA ARG B 154 19.60 1.04 -14.57
C ARG B 154 18.44 0.09 -14.84
N MET B 155 17.25 0.52 -14.42
CA MET B 155 16.04 -0.25 -14.60
C MET B 155 15.59 -0.15 -16.05
N LYS B 156 15.15 -1.27 -16.62
CA LYS B 156 14.70 -1.32 -18.00
C LYS B 156 13.21 -1.04 -18.15
N VAL B 157 12.43 -1.50 -17.20
CA VAL B 157 10.98 -1.29 -17.24
C VAL B 157 10.48 -0.77 -15.89
N PRO B 158 10.19 0.53 -15.79
CA PRO B 158 10.32 1.55 -16.84
C PRO B 158 11.80 1.91 -16.95
N LYS B 159 12.21 2.56 -18.04
CA LYS B 159 13.61 2.91 -18.20
C LYS B 159 13.95 4.07 -17.27
N ILE B 160 14.44 3.73 -16.09
CA ILE B 160 14.73 4.71 -15.07
C ILE B 160 16.05 4.37 -14.41
N VAL B 161 16.76 5.39 -13.94
CA VAL B 161 18.02 5.19 -13.23
C VAL B 161 17.83 5.53 -11.75
N LEU B 162 18.22 4.60 -10.88
CA LEU B 162 18.12 4.80 -9.44
C LEU B 162 19.50 4.79 -8.82
N LEU B 163 19.74 5.73 -7.91
CA LEU B 163 21.02 5.81 -7.22
C LEU B 163 20.68 5.32 -5.82
N ILE B 164 21.20 4.15 -5.47
CA ILE B 164 20.89 3.50 -4.20
C ILE B 164 22.06 3.61 -3.21
N PHE B 165 21.77 4.12 -2.02
CA PHE B 165 22.78 4.32 -0.99
C PHE B 165 22.65 3.38 0.20
N VAL B 166 23.77 3.10 0.88
CA VAL B 166 23.74 2.18 2.02
C VAL B 166 22.75 2.64 3.10
N SER B 167 22.51 3.95 3.19
CA SER B 167 21.58 4.50 4.18
C SER B 167 20.14 4.10 3.91
N GLY B 168 19.84 3.70 2.68
CA GLY B 168 18.49 3.35 2.33
C GLY B 168 17.81 4.48 1.58
N LYS B 169 18.52 5.60 1.42
CA LYS B 169 17.98 6.73 0.68
C LYS B 169 18.21 6.44 -0.80
N ILE B 170 17.29 6.87 -1.63
CA ILE B 170 17.33 6.59 -3.07
C ILE B 170 17.03 7.85 -3.88
N VAL B 171 17.68 7.95 -5.05
CA VAL B 171 17.42 9.04 -5.98
C VAL B 171 16.90 8.30 -7.21
N ILE B 172 15.82 8.80 -7.82
CA ILE B 172 15.21 8.17 -8.99
C ILE B 172 15.13 9.25 -10.07
N THR B 173 15.72 9.00 -11.24
CA THR B 173 15.73 9.99 -12.29
C THR B 173 15.53 9.39 -13.67
N GLY B 174 15.17 10.24 -14.64
CA GLY B 174 14.97 9.77 -15.99
C GLY B 174 13.52 9.69 -16.45
N ALA B 175 12.57 9.91 -15.56
CA ALA B 175 11.14 9.84 -15.89
C ALA B 175 10.60 11.05 -16.61
N LYS B 176 9.64 10.82 -17.51
CA LYS B 176 8.96 11.91 -18.21
C LYS B 176 7.56 12.06 -17.63
N MET B 177 7.16 11.09 -16.79
CA MET B 177 5.86 11.07 -16.11
C MET B 177 6.16 10.63 -14.67
N ARG B 178 5.50 11.23 -13.69
CA ARG B 178 5.75 10.87 -12.29
C ARG B 178 5.40 9.41 -11.96
N ASP B 179 4.47 8.84 -12.71
CA ASP B 179 4.09 7.44 -12.50
C ASP B 179 5.26 6.49 -12.77
N GLU B 180 6.20 6.91 -13.60
CA GLU B 180 7.37 6.11 -13.91
C GLU B 180 8.30 6.17 -12.70
N THR B 181 8.36 7.33 -12.06
CA THR B 181 9.18 7.53 -10.86
C THR B 181 8.67 6.58 -9.77
N TYR B 182 7.34 6.55 -9.61
CA TYR B 182 6.67 5.71 -8.62
C TYR B 182 6.81 4.22 -8.92
N LYS B 183 6.62 3.85 -10.19
CA LYS B 183 6.73 2.47 -10.64
C LYS B 183 8.13 1.94 -10.40
N ALA B 184 9.14 2.76 -10.68
CA ALA B 184 10.53 2.38 -10.49
C ALA B 184 10.79 2.11 -9.01
N PHE B 185 10.31 2.99 -8.13
CA PHE B 185 10.49 2.76 -6.71
C PHE B 185 9.75 1.51 -6.22
N GLU B 186 8.49 1.35 -6.63
CA GLU B 186 7.70 0.18 -6.22
C GLU B 186 8.36 -1.12 -6.75
N ASN B 187 8.97 -1.04 -7.92
CA ASN B 187 9.65 -2.18 -8.52
C ASN B 187 10.89 -2.58 -7.72
N ILE B 188 11.66 -1.58 -7.29
CA ILE B 188 12.88 -1.83 -6.56
C ILE B 188 12.71 -2.14 -5.07
N TYR B 189 11.68 -1.59 -4.45
CA TYR B 189 11.46 -1.78 -3.03
C TYR B 189 11.58 -3.22 -2.52
N PRO B 190 10.85 -4.20 -3.13
CA PRO B 190 10.96 -5.59 -2.67
C PRO B 190 12.31 -6.24 -3.02
N VAL B 191 13.08 -5.60 -3.87
CA VAL B 191 14.40 -6.12 -4.20
C VAL B 191 15.34 -5.64 -3.10
N LEU B 192 15.17 -4.40 -2.68
CA LEU B 192 16.01 -3.84 -1.64
C LEU B 192 15.80 -4.49 -0.27
N SER B 193 14.59 -4.94 0.02
CA SER B 193 14.33 -5.59 1.31
C SER B 193 15.11 -6.91 1.42
N GLU B 194 15.43 -7.51 0.29
CA GLU B 194 16.21 -8.75 0.29
C GLU B 194 17.66 -8.47 0.66
N PHE B 195 18.06 -7.20 0.55
CA PHE B 195 19.43 -6.83 0.84
C PHE B 195 19.62 -5.86 1.99
N ARG B 196 18.76 -5.95 2.99
CA ARG B 196 18.86 -5.10 4.18
C ARG B 196 20.11 -5.48 4.96
N LYS B 197 20.74 -4.49 5.60
CA LYS B 197 21.94 -4.74 6.40
C LYS B 197 21.82 -4.14 7.78
#